data_3QGW
#
_entry.id   3QGW
#
_cell.length_a   125.86
_cell.length_b   74.38
_cell.length_c   78.83
_cell.angle_alpha   90
_cell.angle_beta   94
_cell.angle_gamma   90
#
_symmetry.space_group_name_H-M   'C 1 2 1'
#
loop_
_entity.id
_entity.type
_entity.pdbx_description
1 polymer 'Tyrosine-protein kinase ITK/TSK'
2 non-polymer 3-[(8-phenylthieno[2,3-h]quinazolin-2-yl)amino]benzenesulfonamide
3 non-polymer "N-(6-oxo-1,6-dihydro-3,4'-bipyridin-5-yl)benzamide"
4 water water
#
_entity_poly.entity_id   1
_entity_poly.type   'polypeptide(L)'
_entity_poly.pdbx_seq_one_letter_code
;MGSSHHHHHHSSGLVPRGSLHMVIDPSELTFVQEIGSGQFGLVHLGYWLNKDKVAIKTIKEGSMSEDDFIEEAEVMMKLS
HPKLVQLYGVCLEQAPICLVFEFMEHGCLSDYLRTQRGLFAAETLLGMCLDVCEGMAYLEEACVIHRDLAARNCLVGENQ
VIKVSDFGMTRFVLDDQYTSSTGTKFPVKWASPEVFSFSRYSSKSDVWSFGVLMWEVFSEGKIPYENRSNSEVVEDISTG
FRLYKPRLASTHVYQIMNHCWKERPEDRPAFSRLLRQLAEIAESGL
;
_entity_poly.pdbx_strand_id   A,B
#
loop_
_chem_comp.id
_chem_comp.type
_chem_comp.name
_chem_comp.formula
L7A non-polymer N-(6-oxo-1,6-dihydro-3,4'-bipyridin-5-yl)benzamide 'C17 H13 N3 O2'
PQC non-polymer 3-[(8-phenylthieno[2,3-h]quinazolin-2-yl)amino]benzenesulfonamide 'C22 H16 N4 O2 S2'
#
# COMPACT_ATOMS: atom_id res chain seq x y z
N ILE A 24 8.27 37.72 23.48
CA ILE A 24 9.55 37.89 24.24
C ILE A 24 9.36 38.01 25.76
N ASP A 25 9.88 37.02 26.47
CA ASP A 25 9.79 36.90 27.93
C ASP A 25 10.83 37.64 28.77
N PRO A 26 10.38 38.35 29.83
CA PRO A 26 11.30 39.08 30.71
C PRO A 26 11.88 38.16 31.78
N SER A 27 10.99 37.59 32.59
CA SER A 27 11.38 36.69 33.66
C SER A 27 10.09 36.19 34.31
N GLU A 28 9.03 36.12 33.49
CA GLU A 28 7.73 35.65 33.94
C GLU A 28 7.87 34.14 34.02
N LEU A 29 9.13 33.72 34.11
CA LEU A 29 9.52 32.32 34.16
C LEU A 29 9.90 31.81 35.55
N THR A 30 9.59 30.54 35.79
CA THR A 30 9.89 29.89 37.06
C THR A 30 10.65 28.60 36.73
N PHE A 31 11.95 28.57 37.03
CA PHE A 31 12.79 27.38 36.79
C PHE A 31 12.58 26.33 37.88
N VAL A 32 12.19 25.12 37.46
CA VAL A 32 11.93 24.07 38.44
C VAL A 32 13.02 23.04 38.61
N GLN A 33 13.54 22.51 37.50
CA GLN A 33 14.62 21.51 37.51
C GLN A 33 15.22 21.56 36.10
N GLU A 34 16.37 20.93 35.89
CA GLU A 34 16.96 20.96 34.55
C GLU A 34 16.97 19.62 33.84
N ILE A 35 17.53 19.64 32.63
CA ILE A 35 17.67 18.46 31.75
C ILE A 35 18.69 18.64 30.59
N GLY A 36 19.51 19.68 30.63
CA GLY A 36 20.44 19.88 29.51
C GLY A 36 21.92 19.56 29.70
N SER A 37 22.72 19.83 28.66
CA SER A 37 24.15 19.57 28.78
C SER A 37 24.96 20.00 27.55
N GLY A 38 26.27 20.14 27.77
CA GLY A 38 27.19 20.55 26.73
C GLY A 38 27.10 22.04 26.48
N GLN A 39 28.22 22.72 26.25
CA GLN A 39 28.12 24.15 25.99
C GLN A 39 27.14 24.32 24.86
N PHE A 40 26.22 25.26 25.08
CA PHE A 40 25.12 25.61 24.17
C PHE A 40 24.00 26.03 25.10
N GLY A 41 24.16 25.66 26.37
CA GLY A 41 23.19 25.97 27.40
C GLY A 41 22.54 24.76 28.06
N LEU A 42 21.76 25.02 29.10
CA LEU A 42 21.05 23.97 29.82
C LEU A 42 19.58 24.11 29.47
N VAL A 43 18.82 23.04 29.71
CA VAL A 43 17.38 23.07 29.47
C VAL A 43 16.78 22.83 30.85
N HIS A 44 15.69 23.51 31.15
CA HIS A 44 15.05 23.41 32.44
C HIS A 44 13.56 23.15 32.28
N LEU A 45 12.97 22.58 33.33
CA LEU A 45 11.53 22.38 33.35
C LEU A 45 11.12 23.64 34.11
N GLY A 46 10.14 24.36 33.59
CA GLY A 46 9.71 25.56 34.24
C GLY A 46 8.27 25.91 33.95
N TYR A 47 7.86 27.07 34.42
CA TYR A 47 6.49 27.56 34.23
C TYR A 47 6.49 29.04 33.86
N TRP A 48 5.61 29.39 32.94
CA TRP A 48 5.48 30.78 32.51
C TRP A 48 4.17 31.30 33.10
N LEU A 49 4.29 32.35 33.90
CA LEU A 49 3.14 32.97 34.54
C LEU A 49 2.50 32.09 35.62
N ASN A 50 3.31 31.24 36.25
CA ASN A 50 2.86 30.31 37.30
C ASN A 50 1.72 29.46 36.78
N LYS A 51 1.74 29.22 35.47
CA LYS A 51 0.68 28.48 34.82
C LYS A 51 1.17 27.44 33.81
N ASP A 52 1.57 27.92 32.63
CA ASP A 52 2.02 27.06 31.54
C ASP A 52 3.32 26.33 31.77
N LYS A 53 3.27 25.00 31.65
CA LYS A 53 4.46 24.17 31.83
C LYS A 53 5.25 24.36 30.55
N VAL A 54 6.53 24.69 30.70
CA VAL A 54 7.37 24.97 29.55
C VAL A 54 8.74 24.35 29.68
N ALA A 55 9.46 24.32 28.57
CA ALA A 55 10.83 23.81 28.54
C ALA A 55 11.66 25.05 28.18
N ILE A 56 12.49 25.49 29.12
CA ILE A 56 13.35 26.66 28.95
C ILE A 56 14.79 26.31 28.55
N LYS A 57 15.17 26.64 27.32
CA LYS A 57 16.53 26.38 26.88
C LYS A 57 17.37 27.63 26.99
N THR A 58 18.29 27.64 27.95
CA THR A 58 19.16 28.78 28.14
C THR A 58 20.45 28.51 27.37
N ILE A 59 21.22 29.56 27.09
CA ILE A 59 22.46 29.37 26.37
C ILE A 59 23.62 29.94 27.16
N LYS A 60 24.63 29.10 27.39
CA LYS A 60 25.84 29.47 28.10
C LYS A 60 26.38 30.79 27.58
N GLU A 61 26.93 31.62 28.46
CA GLU A 61 27.48 32.90 28.02
C GLU A 61 28.57 32.58 27.00
N GLY A 62 28.69 33.42 25.97
CA GLY A 62 29.71 33.21 24.95
C GLY A 62 29.70 31.84 24.25
N SER A 63 28.58 31.14 24.34
CA SER A 63 28.47 29.83 23.70
C SER A 63 27.83 29.95 22.33
N MET A 64 27.53 31.19 21.95
CA MET A 64 26.89 31.44 20.67
C MET A 64 26.90 32.94 20.41
N SER A 65 27.22 33.34 19.17
CA SER A 65 27.23 34.76 18.83
C SER A 65 25.81 35.26 19.04
N GLU A 66 25.67 36.50 19.45
CA GLU A 66 24.34 37.03 19.66
C GLU A 66 23.52 37.09 18.36
N ASP A 67 24.18 37.19 17.21
CA ASP A 67 23.44 37.24 15.96
C ASP A 67 23.14 35.82 15.47
N ASP A 68 23.81 34.84 16.07
CA ASP A 68 23.55 33.45 15.75
C ASP A 68 22.22 33.11 16.42
N PHE A 69 22.16 33.41 17.71
CA PHE A 69 20.95 33.16 18.50
C PHE A 69 19.76 33.96 17.97
N ILE A 70 19.99 35.25 17.70
CA ILE A 70 18.93 36.12 17.19
C ILE A 70 18.28 35.65 15.90
N GLU A 71 19.09 35.38 14.87
CA GLU A 71 18.53 34.96 13.58
C GLU A 71 18.02 33.53 13.57
N GLU A 72 18.61 32.69 14.40
CA GLU A 72 18.17 31.31 14.45
C GLU A 72 16.84 31.21 15.21
N ALA A 73 16.67 32.07 16.22
CA ALA A 73 15.44 32.09 17.02
C ALA A 73 14.25 32.61 16.22
N GLU A 74 14.46 33.67 15.45
CA GLU A 74 13.39 34.25 14.65
C GLU A 74 13.01 33.33 13.48
N VAL A 75 13.84 32.32 13.21
CA VAL A 75 13.57 31.36 12.14
C VAL A 75 12.61 30.29 12.69
N MET A 76 12.88 29.88 13.92
CA MET A 76 12.05 28.89 14.60
C MET A 76 10.63 29.40 14.84
N MET A 77 10.50 30.70 15.12
CA MET A 77 9.19 31.29 15.39
C MET A 77 8.36 31.53 14.13
N LYS A 78 9.01 31.40 12.98
CA LYS A 78 8.38 31.59 11.68
C LYS A 78 7.83 30.25 11.14
N LEU A 79 8.08 29.18 11.89
CA LEU A 79 7.64 27.83 11.53
C LEU A 79 6.47 27.39 12.40
N SER A 80 5.39 26.93 11.77
CA SER A 80 4.19 26.49 12.49
C SER A 80 3.51 25.23 11.92
N HIS A 81 3.65 24.11 12.63
CA HIS A 81 3.01 22.87 12.20
C HIS A 81 2.72 21.99 13.41
N PRO A 82 1.56 21.31 13.42
CA PRO A 82 1.16 20.41 14.50
C PRO A 82 2.19 19.36 14.95
N LYS A 83 3.14 19.04 14.08
CA LYS A 83 4.15 18.05 14.43
C LYS A 83 5.53 18.70 14.55
N LEU A 84 5.50 19.96 14.98
CA LEU A 84 6.69 20.76 15.22
C LEU A 84 6.49 21.42 16.58
N VAL A 85 7.42 21.20 17.50
CA VAL A 85 7.34 21.79 18.83
C VAL A 85 7.23 23.34 18.76
N GLN A 86 6.33 23.89 19.58
CA GLN A 86 6.11 25.32 19.60
C GLN A 86 6.84 26.11 20.67
N LEU A 87 7.07 27.38 20.35
CA LEU A 87 7.79 28.30 21.21
C LEU A 87 6.81 29.29 21.81
N TYR A 88 7.01 29.59 23.08
CA TYR A 88 6.18 30.58 23.76
C TYR A 88 6.77 31.98 23.56
N GLY A 89 8.08 32.03 23.37
CA GLY A 89 8.76 33.29 23.19
C GLY A 89 10.22 33.09 23.52
N VAL A 90 10.93 34.20 23.66
CA VAL A 90 12.36 34.18 23.97
C VAL A 90 12.68 35.11 25.13
N CYS A 91 13.87 34.94 25.69
CA CYS A 91 14.33 35.77 26.78
C CYS A 91 15.72 36.21 26.33
N LEU A 92 15.92 37.52 26.27
CA LEU A 92 17.21 38.01 25.84
C LEU A 92 17.50 39.40 26.34
N GLU A 93 16.90 39.80 27.46
CA GLU A 93 17.16 41.12 28.00
C GLU A 93 18.58 41.15 28.58
N GLN A 94 19.32 40.04 28.41
CA GLN A 94 20.71 39.91 28.89
C GLN A 94 20.82 39.23 30.26
N ALA A 95 20.12 38.11 30.50
CA ALA A 95 20.24 37.51 31.82
C ALA A 95 20.02 36.01 32.06
N PRO A 96 20.63 35.12 31.25
CA PRO A 96 21.51 35.42 30.11
C PRO A 96 20.67 35.50 28.83
N ILE A 97 20.26 34.33 28.33
CA ILE A 97 19.45 34.23 27.13
C ILE A 97 18.82 32.83 27.06
N CYS A 98 17.52 32.78 26.77
CA CYS A 98 16.82 31.51 26.69
C CYS A 98 15.62 31.47 25.76
N LEU A 99 15.40 30.30 25.18
CA LEU A 99 14.31 30.03 24.27
C LEU A 99 13.24 29.23 25.05
N VAL A 100 12.00 29.71 25.03
CA VAL A 100 10.89 29.09 25.76
C VAL A 100 9.93 28.22 24.93
N PHE A 101 10.02 26.90 25.11
CA PHE A 101 9.16 25.99 24.37
C PHE A 101 8.03 25.43 25.21
N GLU A 102 7.06 24.85 24.51
CA GLU A 102 5.95 24.18 25.15
C GLU A 102 6.59 22.92 25.74
N PHE A 103 6.07 22.43 26.85
CA PHE A 103 6.63 21.23 27.47
C PHE A 103 6.09 19.92 26.90
N MET A 104 6.98 19.05 26.43
CA MET A 104 6.57 17.76 25.90
C MET A 104 6.69 16.77 27.04
N GLU A 105 5.53 16.49 27.62
CA GLU A 105 5.43 15.63 28.78
C GLU A 105 6.17 14.30 28.79
N HIS A 106 6.36 13.68 27.64
CA HIS A 106 7.06 12.40 27.63
C HIS A 106 8.52 12.32 27.18
N GLY A 107 9.20 13.47 27.17
CA GLY A 107 10.61 13.52 26.76
C GLY A 107 10.98 13.14 25.34
N CYS A 108 12.22 12.71 25.16
CA CYS A 108 12.74 12.31 23.86
C CYS A 108 12.24 10.95 23.37
N LEU A 109 11.82 10.92 22.11
CA LEU A 109 11.30 9.71 21.50
C LEU A 109 12.29 8.57 21.76
N SER A 110 13.58 8.88 21.72
CA SER A 110 14.64 7.91 21.98
C SER A 110 14.40 7.19 23.30
N ASP A 111 14.29 7.99 24.36
CA ASP A 111 14.09 7.49 25.71
C ASP A 111 12.74 6.79 25.91
N TYR A 112 11.70 7.35 25.32
CA TYR A 112 10.38 6.79 25.46
C TYR A 112 10.30 5.36 24.91
N LEU A 113 10.81 5.15 23.70
CA LEU A 113 10.83 3.84 23.03
C LEU A 113 11.59 2.81 23.88
N ARG A 114 12.69 3.25 24.47
CA ARG A 114 13.50 2.38 25.27
C ARG A 114 12.79 1.83 26.50
N THR A 115 12.37 2.71 27.40
CA THR A 115 11.69 2.29 28.61
C THR A 115 10.29 1.71 28.37
N GLN A 116 9.66 2.09 27.25
CA GLN A 116 8.32 1.58 26.93
C GLN A 116 8.41 0.28 26.11
N ARG A 117 9.64 -0.10 25.75
CA ARG A 117 9.89 -1.31 24.96
C ARG A 117 9.12 -2.54 25.43
N GLY A 118 8.53 -3.22 24.46
CA GLY A 118 7.76 -4.42 24.73
C GLY A 118 6.28 -4.17 24.95
N LEU A 119 5.90 -2.88 25.02
CA LEU A 119 4.53 -2.49 25.25
C LEU A 119 3.92 -1.81 24.04
N PHE A 120 4.67 -1.78 22.95
CA PHE A 120 4.17 -1.15 21.72
C PHE A 120 3.55 -2.14 20.74
N ALA A 121 2.55 -1.68 19.99
CA ALA A 121 1.92 -2.49 18.97
C ALA A 121 2.50 -1.90 17.68
N ALA A 122 2.70 -2.73 16.65
CA ALA A 122 3.27 -2.26 15.39
C ALA A 122 2.59 -0.98 14.89
N GLU A 123 1.26 -0.95 15.04
CA GLU A 123 0.44 0.18 14.63
C GLU A 123 0.85 1.48 15.29
N THR A 124 1.16 1.41 16.59
CA THR A 124 1.56 2.59 17.36
C THR A 124 2.88 3.13 16.87
N LEU A 125 3.87 2.24 16.69
CA LEU A 125 5.18 2.62 16.19
C LEU A 125 5.05 3.29 14.81
N LEU A 126 4.30 2.68 13.89
CA LEU A 126 4.12 3.28 12.57
C LEU A 126 3.50 4.69 12.67
N GLY A 127 2.57 4.87 13.61
CA GLY A 127 1.95 6.17 13.82
C GLY A 127 2.98 7.22 14.20
N MET A 128 4.00 6.84 14.97
CA MET A 128 5.08 7.74 15.40
C MET A 128 5.86 8.23 14.19
N CYS A 129 6.24 7.30 13.32
CA CYS A 129 6.97 7.62 12.10
C CYS A 129 6.18 8.61 11.26
N LEU A 130 4.88 8.34 11.11
CA LEU A 130 4.03 9.25 10.34
C LEU A 130 4.03 10.65 10.91
N ASP A 131 4.08 10.74 12.24
CA ASP A 131 4.10 12.02 12.93
C ASP A 131 5.32 12.84 12.53
N VAL A 132 6.49 12.21 12.61
CA VAL A 132 7.76 12.81 12.26
C VAL A 132 7.85 13.13 10.75
N CYS A 133 7.32 12.25 9.91
CA CYS A 133 7.34 12.47 8.46
C CYS A 133 6.52 13.69 8.10
N GLU A 134 5.41 13.87 8.82
CA GLU A 134 4.55 15.03 8.61
C GLU A 134 5.33 16.31 8.92
N GLY A 135 5.95 16.37 10.10
CA GLY A 135 6.73 17.54 10.49
C GLY A 135 7.85 17.80 9.50
N MET A 136 8.53 16.74 9.07
CA MET A 136 9.61 16.86 8.11
C MET A 136 9.11 17.32 6.75
N ALA A 137 7.96 16.79 6.30
CA ALA A 137 7.39 17.20 5.02
C ALA A 137 7.19 18.71 5.01
N TYR A 138 6.79 19.27 6.15
CA TYR A 138 6.57 20.70 6.32
C TYR A 138 7.89 21.47 6.24
N LEU A 139 8.91 20.97 6.94
CA LEU A 139 10.23 21.59 6.93
C LEU A 139 10.88 21.54 5.55
N GLU A 140 10.70 20.43 4.87
CA GLU A 140 11.22 20.23 3.52
C GLU A 140 10.65 21.30 2.58
N GLU A 141 9.31 21.36 2.57
CA GLU A 141 8.55 22.34 1.76
C GLU A 141 8.90 23.82 2.10
N ALA A 142 9.36 24.04 3.34
CA ALA A 142 9.75 25.36 3.81
C ALA A 142 11.26 25.52 3.66
N CYS A 143 11.84 24.67 2.81
CA CYS A 143 13.27 24.65 2.49
C CYS A 143 14.26 24.73 3.66
N VAL A 144 13.87 24.10 4.76
CA VAL A 144 14.70 24.04 5.95
C VAL A 144 15.29 22.63 6.04
N ILE A 145 16.59 22.55 6.32
CA ILE A 145 17.27 21.26 6.46
C ILE A 145 17.49 21.03 7.96
N HIS A 146 17.14 19.84 8.42
CA HIS A 146 17.25 19.50 9.83
C HIS A 146 18.57 18.86 10.27
N ARG A 147 19.50 18.66 9.34
CA ARG A 147 20.82 18.06 9.59
C ARG A 147 21.08 17.12 10.79
N ASP A 148 20.08 16.89 11.63
CA ASP A 148 20.24 16.03 12.80
C ASP A 148 18.93 15.35 13.19
N LEU A 149 18.24 14.76 12.21
CA LEU A 149 17.00 14.07 12.50
C LEU A 149 17.26 12.68 13.14
N ALA A 150 16.97 12.58 14.43
CA ALA A 150 17.17 11.32 15.15
C ALA A 150 16.12 11.21 16.24
N ALA A 151 15.97 10.01 16.81
CA ALA A 151 15.01 9.80 17.87
C ALA A 151 15.26 10.69 19.12
N ARG A 152 16.52 11.07 19.38
CA ARG A 152 16.80 11.94 20.53
C ARG A 152 16.32 13.36 20.33
N ASN A 153 16.04 13.72 19.07
CA ASN A 153 15.63 15.08 18.79
C ASN A 153 14.16 15.17 18.48
N CYS A 154 13.45 14.11 18.82
CA CYS A 154 12.02 14.07 18.62
C CYS A 154 11.46 14.05 20.01
N LEU A 155 10.27 14.61 20.17
CA LEU A 155 9.66 14.66 21.48
C LEU A 155 8.29 14.02 21.50
N VAL A 156 7.98 13.39 22.63
CA VAL A 156 6.68 12.74 22.83
C VAL A 156 5.86 13.62 23.77
N GLY A 157 4.59 13.81 23.43
CA GLY A 157 3.72 14.62 24.29
C GLY A 157 2.84 13.72 25.11
N GLU A 158 2.16 14.29 26.11
CA GLU A 158 1.25 13.53 26.99
C GLU A 158 0.03 13.11 26.17
N ASN A 159 0.28 12.75 24.92
CA ASN A 159 -0.78 12.30 24.01
C ASN A 159 -0.28 11.01 23.40
N GLN A 160 1.01 11.04 23.06
CA GLN A 160 1.76 9.95 22.44
C GLN A 160 2.18 10.50 21.07
N VAL A 161 1.68 11.70 20.79
CA VAL A 161 1.97 12.44 19.56
C VAL A 161 3.44 12.73 19.54
N ILE A 162 4.04 12.63 18.36
CA ILE A 162 5.46 12.93 18.20
C ILE A 162 5.58 14.26 17.45
N LYS A 163 6.55 15.07 17.89
CA LYS A 163 6.81 16.36 17.27
C LYS A 163 8.30 16.46 16.99
N VAL A 164 8.65 17.14 15.91
CA VAL A 164 10.06 17.28 15.58
C VAL A 164 10.61 18.50 16.31
N SER A 165 11.83 18.36 16.81
CA SER A 165 12.50 19.42 17.54
C SER A 165 13.92 19.64 17.04
N ASP A 166 14.60 20.60 17.65
CA ASP A 166 15.96 20.90 17.26
C ASP A 166 16.05 21.18 15.75
N PHE A 167 15.00 21.78 15.21
CA PHE A 167 14.92 22.10 13.78
C PHE A 167 15.47 23.50 13.42
N GLY A 168 15.51 24.41 14.40
CA GLY A 168 16.01 25.77 14.16
C GLY A 168 17.53 25.89 14.27
N PHE A 186 31.50 12.86 13.89
CA PHE A 186 30.14 13.37 13.69
C PHE A 186 29.17 12.19 13.76
N PRO A 187 27.84 12.47 13.81
CA PRO A 187 26.85 11.39 13.89
C PRO A 187 26.71 10.65 12.55
N VAL A 188 27.79 9.96 12.16
CA VAL A 188 27.80 9.20 10.92
C VAL A 188 26.79 8.03 10.88
N LYS A 189 26.28 7.59 12.03
CA LYS A 189 25.28 6.51 12.02
C LYS A 189 23.93 6.95 11.40
N TRP A 190 23.72 8.27 11.34
CA TRP A 190 22.51 8.86 10.78
C TRP A 190 22.72 9.58 9.44
N ALA A 191 23.99 9.68 9.04
CA ALA A 191 24.39 10.35 7.80
C ALA A 191 24.33 9.52 6.53
N SER A 192 23.85 10.17 5.47
CA SER A 192 23.73 9.59 4.15
C SER A 192 25.13 9.70 3.60
N PRO A 193 25.44 8.97 2.51
CA PRO A 193 26.80 9.02 1.92
C PRO A 193 27.30 10.42 1.53
N GLU A 194 26.51 11.22 0.83
CA GLU A 194 26.95 12.55 0.44
C GLU A 194 27.27 13.43 1.63
N VAL A 195 26.88 12.97 2.83
CA VAL A 195 27.16 13.70 4.06
C VAL A 195 28.46 13.12 4.65
N PHE A 196 28.68 11.79 4.56
CA PHE A 196 29.93 11.20 5.08
C PHE A 196 31.00 11.98 4.32
N SER A 197 30.97 11.81 3.00
CA SER A 197 31.89 12.47 2.09
C SER A 197 31.61 13.97 2.17
N PHE A 198 32.23 14.56 3.18
CA PHE A 198 32.12 15.98 3.53
C PHE A 198 30.85 16.76 3.19
N SER A 199 30.14 16.93 4.29
CA SER A 199 28.90 17.63 4.49
C SER A 199 28.04 18.25 3.39
N ARG A 200 27.34 17.40 2.64
CA ARG A 200 26.44 17.89 1.62
C ARG A 200 25.02 17.56 2.05
N TYR A 201 24.54 18.35 3.02
CA TYR A 201 23.20 18.19 3.54
C TYR A 201 22.18 18.73 2.58
N SER A 202 20.97 18.21 2.70
CA SER A 202 19.85 18.62 1.87
C SER A 202 18.61 17.96 2.48
N SER A 203 17.45 18.17 1.87
CA SER A 203 16.26 17.53 2.37
C SER A 203 16.31 16.00 2.15
N LYS A 204 17.14 15.54 1.20
CA LYS A 204 17.26 14.10 0.92
C LYS A 204 18.17 13.40 1.92
N SER A 205 19.06 14.15 2.54
CA SER A 205 19.94 13.56 3.54
C SER A 205 19.09 13.39 4.81
N ASP A 206 18.08 14.25 4.96
CA ASP A 206 17.20 14.15 6.12
C ASP A 206 16.39 12.87 5.97
N VAL A 207 16.05 12.54 4.73
CA VAL A 207 15.26 11.34 4.44
C VAL A 207 16.03 10.10 4.88
N TRP A 208 17.32 10.04 4.52
CA TRP A 208 18.17 8.91 4.92
C TRP A 208 18.13 8.83 6.45
N SER A 209 18.30 9.99 7.07
CA SER A 209 18.30 10.17 8.52
C SER A 209 16.95 9.66 9.05
N PHE A 210 15.88 9.98 8.34
CA PHE A 210 14.53 9.55 8.72
C PHE A 210 14.46 8.02 8.66
N GLY A 211 15.06 7.42 7.64
CA GLY A 211 15.07 5.97 7.53
C GLY A 211 15.67 5.32 8.77
N VAL A 212 16.77 5.88 9.28
CA VAL A 212 17.45 5.37 10.49
C VAL A 212 16.52 5.63 11.70
N LEU A 213 15.87 6.80 11.72
CA LEU A 213 14.95 7.13 12.81
C LEU A 213 13.82 6.12 12.83
N MET A 214 13.38 5.68 11.64
CA MET A 214 12.33 4.67 11.52
C MET A 214 12.81 3.35 12.10
N TRP A 215 14.08 3.03 11.89
CA TRP A 215 14.67 1.79 12.40
C TRP A 215 14.68 1.86 13.92
N GLU A 216 15.08 3.01 14.47
CA GLU A 216 15.12 3.20 15.92
C GLU A 216 13.72 3.04 16.51
N VAL A 217 12.72 3.49 15.77
CA VAL A 217 11.34 3.37 16.23
C VAL A 217 10.88 1.92 16.34
N PHE A 218 10.90 1.20 15.21
CA PHE A 218 10.47 -0.20 15.19
C PHE A 218 11.34 -1.17 15.97
N SER A 219 12.59 -0.77 16.26
CA SER A 219 13.50 -1.61 17.03
C SER A 219 13.29 -1.24 18.51
N GLU A 220 12.35 -0.33 18.74
CA GLU A 220 12.00 0.15 20.08
C GLU A 220 13.17 0.76 20.86
N GLY A 221 13.85 1.73 20.24
CA GLY A 221 14.96 2.43 20.88
C GLY A 221 16.35 1.82 20.81
N LYS A 222 16.58 0.90 19.88
CA LYS A 222 17.90 0.31 19.79
C LYS A 222 18.91 1.22 19.08
N ILE A 223 20.18 0.96 19.36
CA ILE A 223 21.28 1.70 18.78
C ILE A 223 21.69 1.09 17.44
N PRO A 224 21.62 1.88 16.36
CA PRO A 224 21.99 1.38 15.04
C PRO A 224 23.50 1.22 14.89
N TYR A 225 23.91 0.09 14.31
CA TYR A 225 25.32 -0.25 14.12
C TYR A 225 26.02 -0.04 15.45
N GLU A 226 25.44 -0.60 16.52
CA GLU A 226 26.03 -0.43 17.84
C GLU A 226 27.47 -0.90 17.94
N ASN A 227 27.74 -2.13 17.50
CA ASN A 227 29.10 -2.65 17.57
C ASN A 227 29.90 -2.38 16.28
N ARG A 228 29.88 -1.13 15.84
CA ARG A 228 30.59 -0.72 14.63
C ARG A 228 31.18 0.68 14.67
N SER A 229 32.48 0.77 14.36
CA SER A 229 33.17 2.06 14.34
C SER A 229 32.73 2.83 13.09
N ASN A 230 32.93 4.15 13.09
CA ASN A 230 32.55 4.98 11.94
C ASN A 230 33.06 4.37 10.63
N SER A 231 34.32 3.97 10.64
CA SER A 231 34.96 3.35 9.47
C SER A 231 34.12 2.17 8.98
N GLU A 232 33.81 1.26 9.89
CA GLU A 232 33.04 0.08 9.53
C GLU A 232 31.67 0.40 8.97
N VAL A 233 31.00 1.39 9.54
CA VAL A 233 29.67 1.80 9.06
C VAL A 233 29.83 2.27 7.61
N VAL A 234 30.73 3.25 7.40
CA VAL A 234 30.97 3.77 6.07
C VAL A 234 31.35 2.65 5.11
N GLU A 235 32.08 1.65 5.61
CA GLU A 235 32.45 0.56 4.73
C GLU A 235 31.27 -0.36 4.47
N ASP A 236 30.57 -0.75 5.53
CA ASP A 236 29.44 -1.64 5.39
C ASP A 236 28.36 -0.96 4.55
N ILE A 237 28.18 0.35 4.73
CA ILE A 237 27.18 1.09 3.98
C ILE A 237 27.57 1.25 2.52
N SER A 238 28.85 1.44 2.27
CA SER A 238 29.31 1.62 0.90
C SER A 238 29.31 0.32 0.11
N THR A 239 28.98 -0.77 0.79
CA THR A 239 28.94 -2.07 0.14
C THR A 239 27.49 -2.49 -0.10
N GLY A 240 26.56 -1.62 0.31
CA GLY A 240 25.14 -1.88 0.12
C GLY A 240 24.44 -2.48 1.33
N PHE A 241 25.16 -2.63 2.43
CA PHE A 241 24.63 -3.19 3.65
C PHE A 241 23.76 -2.13 4.30
N ARG A 242 22.65 -2.58 4.88
CA ARG A 242 21.71 -1.70 5.58
C ARG A 242 21.32 -2.36 6.91
N LEU A 243 20.74 -1.57 7.81
CA LEU A 243 20.29 -2.06 9.10
C LEU A 243 19.19 -3.11 8.87
N TYR A 244 19.27 -4.21 9.62
CA TYR A 244 18.31 -5.32 9.52
C TYR A 244 16.88 -4.88 9.85
N LYS A 245 15.90 -5.66 9.39
CA LYS A 245 14.49 -5.35 9.66
C LYS A 245 14.11 -5.71 11.09
N PRO A 246 13.76 -4.71 11.92
CA PRO A 246 13.39 -5.08 13.29
C PRO A 246 12.20 -6.04 13.17
N ARG A 247 11.94 -6.85 14.20
CA ARG A 247 10.82 -7.78 14.11
C ARG A 247 9.47 -7.07 13.96
N LEU A 248 9.30 -5.96 14.66
CA LEU A 248 8.05 -5.20 14.59
C LEU A 248 7.88 -4.48 13.25
N ALA A 249 8.94 -4.46 12.44
CA ALA A 249 8.88 -3.84 11.11
C ALA A 249 8.34 -4.86 10.09
N SER A 250 7.22 -4.50 9.46
CA SER A 250 6.59 -5.37 8.47
C SER A 250 7.44 -5.36 7.21
N THR A 251 7.27 -6.36 6.34
CA THR A 251 8.06 -6.38 5.12
C THR A 251 7.81 -5.11 4.30
N HIS A 252 6.62 -4.52 4.43
CA HIS A 252 6.30 -3.31 3.70
C HIS A 252 6.93 -2.02 4.26
N VAL A 253 7.05 -1.95 5.59
CA VAL A 253 7.66 -0.79 6.26
C VAL A 253 9.18 -0.80 6.06
N TYR A 254 9.75 -1.99 5.95
CA TYR A 254 11.19 -2.16 5.74
C TYR A 254 11.59 -1.86 4.26
N GLN A 255 10.63 -1.90 3.33
CA GLN A 255 10.91 -1.57 1.92
C GLN A 255 11.11 -0.05 1.91
N ILE A 256 10.18 0.63 2.59
CA ILE A 256 10.18 2.09 2.73
C ILE A 256 11.50 2.55 3.36
N MET A 257 11.91 1.92 4.45
CA MET A 257 13.17 2.21 5.15
C MET A 257 14.37 2.09 4.19
N ASN A 258 14.29 1.17 3.22
CA ASN A 258 15.36 0.98 2.24
C ASN A 258 15.34 1.99 1.07
N HIS A 259 14.20 2.64 0.85
CA HIS A 259 14.08 3.65 -0.20
C HIS A 259 14.72 4.91 0.35
N CYS A 260 14.71 5.02 1.67
CA CYS A 260 15.29 6.17 2.37
C CYS A 260 16.81 6.03 2.34
N TRP A 261 17.27 4.78 2.24
CA TRP A 261 18.70 4.49 2.23
C TRP A 261 19.28 4.28 0.85
N LYS A 262 18.56 4.73 -0.18
CA LYS A 262 19.06 4.59 -1.54
C LYS A 262 20.34 5.41 -1.55
N GLU A 263 21.40 4.87 -2.15
CA GLU A 263 22.67 5.56 -2.16
C GLU A 263 22.62 6.95 -2.82
N ARG A 264 21.83 7.07 -3.88
CA ARG A 264 21.73 8.34 -4.60
C ARG A 264 20.58 9.15 -4.07
N PRO A 265 20.85 10.42 -3.68
CA PRO A 265 19.82 11.32 -3.14
C PRO A 265 18.59 11.41 -4.04
N GLU A 266 18.80 11.49 -5.36
CA GLU A 266 17.69 11.57 -6.31
C GLU A 266 16.79 10.34 -6.28
N ASP A 267 17.33 9.20 -5.85
CA ASP A 267 16.56 7.97 -5.76
C ASP A 267 15.72 7.86 -4.52
N ARG A 268 15.99 8.71 -3.53
CA ARG A 268 15.23 8.70 -2.28
C ARG A 268 13.97 9.52 -2.46
N PRO A 269 12.86 9.05 -1.87
CA PRO A 269 11.60 9.78 -1.97
C PRO A 269 11.67 11.03 -1.09
N ALA A 270 10.91 12.04 -1.47
CA ALA A 270 10.84 13.29 -0.71
C ALA A 270 9.85 13.06 0.43
N PHE A 271 10.08 13.68 1.57
CA PHE A 271 9.16 13.53 2.70
C PHE A 271 7.67 13.62 2.31
N SER A 272 7.35 14.54 1.40
CA SER A 272 5.96 14.68 0.93
C SER A 272 5.50 13.35 0.35
N ARG A 273 6.43 12.64 -0.29
CA ARG A 273 6.06 11.35 -0.87
C ARG A 273 6.02 10.24 0.17
N LEU A 274 6.98 10.25 1.09
CA LEU A 274 7.06 9.25 2.15
C LEU A 274 5.80 9.27 3.00
N LEU A 275 5.26 10.47 3.20
CA LEU A 275 4.06 10.63 3.99
C LEU A 275 2.91 9.76 3.45
N ARG A 276 2.64 9.90 2.16
CA ARG A 276 1.58 9.15 1.51
C ARG A 276 1.83 7.64 1.41
N GLN A 277 3.10 7.26 1.28
CA GLN A 277 3.52 5.85 1.20
C GLN A 277 3.35 5.17 2.56
N LEU A 278 3.82 5.84 3.61
CA LEU A 278 3.69 5.33 4.98
C LEU A 278 2.19 5.31 5.31
N ALA A 279 1.48 6.36 4.88
CA ALA A 279 0.05 6.47 5.12
C ALA A 279 -0.71 5.27 4.54
N GLU A 280 -0.42 4.92 3.30
CA GLU A 280 -1.09 3.78 2.66
C GLU A 280 -0.77 2.47 3.39
N ILE A 281 0.46 2.32 3.89
CA ILE A 281 0.83 1.11 4.62
C ILE A 281 0.00 1.04 5.91
N ALA A 282 0.06 2.12 6.70
CA ALA A 282 -0.66 2.18 7.97
C ALA A 282 -2.09 1.66 7.78
N GLU A 283 -2.63 1.88 6.58
CA GLU A 283 -3.95 1.39 6.27
C GLU A 283 -3.97 -0.16 6.04
N SER A 284 -3.04 -0.89 6.70
CA SER A 284 -2.93 -2.37 6.69
C SER A 284 -1.57 -3.12 6.74
N ILE B 24 -39.75 -7.21 -15.70
CA ILE B 24 -39.05 -5.91 -15.46
C ILE B 24 -38.33 -5.43 -16.73
N ASP B 25 -38.31 -4.12 -16.94
CA ASP B 25 -37.59 -3.58 -18.09
C ASP B 25 -38.16 -3.81 -19.50
N PRO B 26 -38.72 -2.75 -20.12
CA PRO B 26 -39.27 -2.83 -21.47
C PRO B 26 -38.45 -2.19 -22.59
N SER B 27 -38.95 -1.08 -23.11
CA SER B 27 -38.36 -0.33 -24.21
C SER B 27 -37.63 0.86 -23.63
N GLU B 28 -37.11 0.68 -22.42
CA GLU B 28 -36.38 1.71 -21.71
C GLU B 28 -34.91 1.49 -22.04
N LEU B 29 -34.69 0.74 -23.10
CA LEU B 29 -33.36 0.41 -23.55
C LEU B 29 -32.96 1.15 -24.82
N THR B 30 -31.74 1.66 -24.80
CA THR B 30 -31.17 2.36 -25.95
C THR B 30 -29.92 1.54 -26.32
N PHE B 31 -30.00 0.85 -27.45
CA PHE B 31 -28.87 0.06 -27.91
C PHE B 31 -27.97 1.02 -28.64
N VAL B 32 -26.77 1.20 -28.11
CA VAL B 32 -25.83 2.13 -28.70
C VAL B 32 -24.74 1.53 -29.58
N GLN B 33 -24.02 0.56 -29.04
CA GLN B 33 -22.95 -0.03 -29.80
C GLN B 33 -22.76 -1.50 -29.51
N GLU B 34 -22.46 -2.28 -30.54
CA GLU B 34 -22.20 -3.71 -30.34
C GLU B 34 -20.80 -3.85 -29.74
N ILE B 35 -20.64 -4.80 -28.82
CA ILE B 35 -19.36 -5.00 -28.16
C ILE B 35 -19.06 -6.47 -27.83
N GLY B 36 -19.84 -7.37 -28.42
CA GLY B 36 -19.66 -8.78 -28.17
C GLY B 36 -20.58 -9.62 -29.04
N SER B 37 -20.29 -10.92 -29.10
CA SER B 37 -21.07 -11.90 -29.88
C SER B 37 -20.48 -13.30 -29.69
N GLY B 38 -21.28 -14.34 -29.90
CA GLY B 38 -20.72 -15.67 -29.73
C GLY B 38 -21.67 -16.85 -29.73
N GLN B 39 -22.54 -16.93 -30.73
CA GLN B 39 -23.52 -18.02 -30.87
C GLN B 39 -24.59 -18.07 -29.77
N PHE B 40 -24.18 -17.84 -28.53
CA PHE B 40 -25.12 -17.84 -27.42
C PHE B 40 -25.71 -16.45 -27.10
N GLY B 41 -25.11 -15.40 -27.67
CA GLY B 41 -25.62 -14.06 -27.43
C GLY B 41 -24.72 -12.92 -27.87
N LEU B 42 -25.34 -11.76 -28.04
CA LEU B 42 -24.67 -10.51 -28.43
C LEU B 42 -24.62 -9.64 -27.20
N VAL B 43 -23.62 -8.77 -27.13
CA VAL B 43 -23.51 -7.83 -26.03
C VAL B 43 -23.48 -6.44 -26.66
N HIS B 44 -24.26 -5.53 -26.08
CA HIS B 44 -24.36 -4.17 -26.58
C HIS B 44 -24.17 -3.15 -25.47
N LEU B 45 -23.59 -2.02 -25.83
CA LEU B 45 -23.41 -0.94 -24.89
C LEU B 45 -24.65 -0.09 -25.10
N GLY B 46 -25.26 0.32 -23.98
CA GLY B 46 -26.46 1.12 -24.07
C GLY B 46 -26.79 1.79 -22.76
N TYR B 47 -28.02 2.29 -22.67
CA TYR B 47 -28.50 2.96 -21.47
C TYR B 47 -29.88 2.47 -21.10
N TRP B 48 -30.16 2.54 -19.80
CA TRP B 48 -31.46 2.17 -19.27
C TRP B 48 -32.14 3.51 -18.97
N LEU B 49 -33.29 3.73 -19.61
CA LEU B 49 -34.06 4.96 -19.48
C LEU B 49 -33.16 6.19 -19.64
N ASN B 50 -32.21 6.08 -20.57
CA ASN B 50 -31.26 7.14 -20.90
C ASN B 50 -30.49 7.69 -19.70
N LYS B 51 -30.34 6.88 -18.67
CA LYS B 51 -29.61 7.36 -17.51
C LYS B 51 -28.32 6.59 -17.26
N ASP B 52 -28.45 5.36 -16.79
CA ASP B 52 -27.30 4.51 -16.51
C ASP B 52 -26.79 3.82 -17.75
N LYS B 53 -25.46 3.82 -17.89
CA LYS B 53 -24.78 3.16 -19.00
C LYS B 53 -24.99 1.67 -18.69
N VAL B 54 -25.25 0.89 -19.73
CA VAL B 54 -25.51 -0.52 -19.50
C VAL B 54 -24.93 -1.50 -20.51
N ALA B 55 -24.85 -2.76 -20.09
CA ALA B 55 -24.34 -3.83 -20.93
C ALA B 55 -25.51 -4.79 -21.14
N ILE B 56 -26.08 -4.75 -22.35
CA ILE B 56 -27.22 -5.58 -22.70
C ILE B 56 -26.84 -6.83 -23.50
N LYS B 57 -27.02 -8.00 -22.88
CA LYS B 57 -26.77 -9.27 -23.54
C LYS B 57 -28.11 -9.74 -24.07
N THR B 58 -28.19 -9.93 -25.38
CA THR B 58 -29.44 -10.41 -25.96
C THR B 58 -29.20 -11.85 -26.45
N ILE B 59 -30.18 -12.72 -26.28
CA ILE B 59 -30.04 -14.10 -26.72
C ILE B 59 -29.83 -14.13 -28.24
N LYS B 60 -29.11 -15.12 -28.73
CA LYS B 60 -28.89 -15.17 -30.17
C LYS B 60 -29.86 -16.10 -30.90
N GLU B 61 -30.54 -15.50 -31.90
CA GLU B 61 -31.55 -16.13 -32.77
C GLU B 61 -32.61 -16.96 -32.07
N GLY B 62 -32.47 -17.12 -30.76
CA GLY B 62 -33.42 -17.89 -29.98
C GLY B 62 -33.18 -19.37 -30.19
N SER B 63 -32.01 -19.65 -30.76
CA SER B 63 -31.57 -21.00 -31.08
C SER B 63 -30.66 -21.52 -29.95
N MET B 64 -31.15 -21.42 -28.71
CA MET B 64 -30.44 -21.88 -27.53
C MET B 64 -31.32 -21.82 -26.28
N SER B 65 -32.59 -22.13 -26.47
CA SER B 65 -33.61 -22.16 -25.40
C SER B 65 -33.69 -20.90 -24.51
N GLU B 66 -34.84 -20.25 -24.48
CA GLU B 66 -34.99 -19.07 -23.67
C GLU B 66 -35.07 -19.39 -22.17
N ASP B 67 -35.60 -20.55 -21.82
CA ASP B 67 -35.70 -20.90 -20.39
C ASP B 67 -34.34 -21.17 -19.76
N ASP B 68 -33.34 -21.34 -20.61
CA ASP B 68 -31.99 -21.58 -20.13
C ASP B 68 -31.15 -20.31 -20.24
N PHE B 69 -31.72 -19.30 -20.90
CA PHE B 69 -31.08 -18.00 -21.03
C PHE B 69 -31.55 -17.26 -19.78
N ILE B 70 -32.82 -17.48 -19.46
CA ILE B 70 -33.49 -16.88 -18.31
C ILE B 70 -32.95 -17.46 -17.00
N GLU B 71 -32.87 -18.79 -16.96
CA GLU B 71 -32.40 -19.55 -15.80
C GLU B 71 -30.97 -19.15 -15.40
N GLU B 72 -30.42 -18.19 -16.14
CA GLU B 72 -29.06 -17.67 -15.92
C GLU B 72 -29.12 -16.38 -15.10
N ALA B 73 -30.12 -15.53 -15.37
CA ALA B 73 -30.31 -14.28 -14.64
C ALA B 73 -31.06 -14.63 -13.35
N GLU B 74 -31.70 -15.80 -13.37
CA GLU B 74 -32.47 -16.33 -12.25
C GLU B 74 -31.60 -16.62 -11.04
N VAL B 75 -30.46 -17.26 -11.28
CA VAL B 75 -29.52 -17.60 -10.22
C VAL B 75 -28.62 -16.40 -9.97
N MET B 76 -28.45 -15.58 -10.99
CA MET B 76 -27.60 -14.41 -10.91
C MET B 76 -28.23 -13.26 -10.12
N MET B 77 -29.52 -13.37 -9.81
CA MET B 77 -30.20 -12.33 -9.03
C MET B 77 -30.22 -12.74 -7.56
N LYS B 78 -29.61 -13.88 -7.28
CA LYS B 78 -29.54 -14.42 -5.92
C LYS B 78 -28.18 -14.11 -5.33
N LEU B 79 -27.28 -13.63 -6.15
CA LEU B 79 -25.95 -13.35 -5.71
C LEU B 79 -25.68 -11.86 -5.58
N SER B 80 -25.03 -11.49 -4.48
CA SER B 80 -24.70 -10.10 -4.25
C SER B 80 -23.31 -9.97 -3.61
N HIS B 81 -22.32 -9.61 -4.42
CA HIS B 81 -20.96 -9.42 -3.92
C HIS B 81 -20.23 -8.33 -4.73
N PRO B 82 -19.40 -7.54 -4.05
CA PRO B 82 -18.68 -6.47 -4.76
C PRO B 82 -17.75 -6.92 -5.91
N LYS B 83 -17.41 -8.21 -5.99
CA LYS B 83 -16.52 -8.68 -7.07
C LYS B 83 -17.22 -9.53 -8.12
N LEU B 84 -18.53 -9.37 -8.18
CA LEU B 84 -19.39 -10.05 -9.13
C LEU B 84 -20.22 -8.97 -9.85
N VAL B 85 -20.25 -9.02 -11.18
CA VAL B 85 -21.02 -8.05 -11.97
C VAL B 85 -22.49 -8.07 -11.51
N GLN B 86 -23.08 -6.89 -11.42
CA GLN B 86 -24.47 -6.80 -11.02
C GLN B 86 -25.42 -6.69 -12.19
N LEU B 87 -26.68 -7.06 -11.91
CA LEU B 87 -27.78 -7.04 -12.86
C LEU B 87 -28.73 -5.86 -12.56
N TYR B 88 -29.19 -5.21 -13.63
CA TYR B 88 -30.13 -4.10 -13.49
C TYR B 88 -31.54 -4.69 -13.67
N GLY B 89 -31.65 -5.60 -14.63
CA GLY B 89 -32.92 -6.25 -14.91
C GLY B 89 -32.81 -7.16 -16.11
N VAL B 90 -33.95 -7.72 -16.53
CA VAL B 90 -33.99 -8.61 -17.68
C VAL B 90 -35.19 -8.20 -18.54
N CYS B 91 -35.15 -8.58 -19.82
CA CYS B 91 -36.25 -8.31 -20.72
C CYS B 91 -36.71 -9.65 -21.25
N LEU B 92 -37.80 -10.18 -20.71
CA LEU B 92 -38.31 -11.46 -21.18
C LEU B 92 -39.65 -11.25 -21.86
N GLU B 93 -40.01 -9.97 -21.99
CA GLU B 93 -41.26 -9.63 -22.66
C GLU B 93 -41.03 -10.27 -24.02
N GLN B 94 -42.00 -11.04 -24.49
CA GLN B 94 -41.93 -11.72 -25.77
C GLN B 94 -40.78 -11.19 -26.67
N ALA B 95 -40.69 -9.86 -26.81
CA ALA B 95 -39.61 -9.25 -27.57
C ALA B 95 -38.32 -10.01 -27.28
N PRO B 96 -37.52 -10.30 -28.33
CA PRO B 96 -36.25 -11.02 -28.24
C PRO B 96 -35.35 -10.79 -27.01
N ILE B 97 -35.57 -11.64 -26.02
CA ILE B 97 -34.91 -11.70 -24.73
C ILE B 97 -33.51 -11.09 -24.55
N CYS B 98 -33.28 -10.52 -23.39
CA CYS B 98 -31.99 -9.92 -23.02
C CYS B 98 -31.85 -9.61 -21.52
N LEU B 99 -30.61 -9.67 -21.04
CA LEU B 99 -30.28 -9.37 -19.65
C LEU B 99 -29.63 -8.01 -19.65
N VAL B 100 -29.91 -7.20 -18.63
CA VAL B 100 -29.33 -5.85 -18.55
C VAL B 100 -28.38 -5.75 -17.34
N PHE B 101 -27.08 -5.69 -17.64
CA PHE B 101 -26.03 -5.60 -16.61
C PHE B 101 -25.55 -4.17 -16.37
N GLU B 102 -24.80 -3.98 -15.29
CA GLU B 102 -24.20 -2.69 -15.01
C GLU B 102 -23.08 -2.61 -16.04
N PHE B 103 -22.62 -1.43 -16.39
CA PHE B 103 -21.54 -1.30 -17.38
C PHE B 103 -20.18 -1.12 -16.71
N MET B 104 -19.25 -1.99 -17.07
CA MET B 104 -17.87 -1.97 -16.58
C MET B 104 -17.07 -1.28 -17.68
N GLU B 105 -16.62 -0.08 -17.36
CA GLU B 105 -15.90 0.80 -18.26
C GLU B 105 -14.68 0.29 -19.02
N HIS B 106 -13.79 -0.46 -18.37
CA HIS B 106 -12.58 -0.92 -19.05
C HIS B 106 -12.66 -2.23 -19.80
N GLY B 107 -13.88 -2.72 -20.06
CA GLY B 107 -14.04 -3.97 -20.78
C GLY B 107 -13.64 -5.22 -20.03
N CYS B 108 -13.47 -6.33 -20.76
CA CYS B 108 -13.09 -7.60 -20.16
C CYS B 108 -11.59 -7.66 -19.83
N LEU B 109 -11.26 -8.39 -18.77
CA LEU B 109 -9.88 -8.53 -18.30
C LEU B 109 -8.87 -8.93 -19.39
N SER B 110 -9.27 -9.85 -20.27
CA SER B 110 -8.44 -10.32 -21.38
C SER B 110 -7.92 -9.17 -22.23
N ASP B 111 -8.86 -8.38 -22.75
CA ASP B 111 -8.52 -7.23 -23.59
C ASP B 111 -7.78 -6.13 -22.85
N TYR B 112 -8.10 -5.95 -21.57
CA TYR B 112 -7.49 -4.90 -20.77
C TYR B 112 -5.98 -5.14 -20.52
N LEU B 113 -5.62 -6.38 -20.19
CA LEU B 113 -4.23 -6.77 -19.92
C LEU B 113 -3.29 -6.52 -21.13
N ARG B 114 -3.76 -6.88 -22.32
CA ARG B 114 -2.97 -6.72 -23.53
C ARG B 114 -2.89 -5.29 -24.11
N THR B 115 -4.01 -4.58 -24.09
CA THR B 115 -4.07 -3.24 -24.67
C THR B 115 -3.42 -2.05 -23.99
N GLN B 116 -3.96 -0.88 -24.34
CA GLN B 116 -3.55 0.41 -23.82
C GLN B 116 -3.70 0.34 -22.31
N ARG B 117 -2.73 -0.34 -21.71
CA ARG B 117 -2.59 -0.61 -20.29
C ARG B 117 -2.13 -2.06 -20.21
N GLY B 118 -0.90 -2.26 -20.70
CA GLY B 118 -0.22 -3.54 -20.70
C GLY B 118 1.11 -3.20 -20.06
N LEU B 119 1.03 -2.33 -19.05
CA LEU B 119 2.18 -1.82 -18.29
C LEU B 119 1.86 -1.74 -16.79
N PHE B 120 1.77 -2.89 -16.14
CA PHE B 120 1.44 -2.97 -14.73
C PHE B 120 2.62 -3.34 -13.82
N ALA B 121 2.41 -3.13 -12.52
CA ALA B 121 3.39 -3.49 -11.48
C ALA B 121 2.88 -4.85 -11.00
N ALA B 122 3.76 -5.68 -10.48
CA ALA B 122 3.39 -7.00 -10.01
C ALA B 122 2.27 -6.97 -8.95
N GLU B 123 2.23 -5.88 -8.15
CA GLU B 123 1.22 -5.71 -7.10
C GLU B 123 -0.17 -5.65 -7.67
N THR B 124 -0.33 -4.76 -8.65
CA THR B 124 -1.59 -4.53 -9.33
C THR B 124 -2.09 -5.85 -9.87
N LEU B 125 -1.23 -6.61 -10.55
CA LEU B 125 -1.62 -7.90 -11.12
C LEU B 125 -2.13 -8.83 -10.01
N LEU B 126 -1.40 -8.85 -8.89
CA LEU B 126 -1.82 -9.68 -7.75
C LEU B 126 -3.15 -9.15 -7.19
N GLY B 127 -3.30 -7.82 -7.18
CA GLY B 127 -4.53 -7.21 -6.69
C GLY B 127 -5.68 -7.68 -7.57
N MET B 128 -5.43 -7.82 -8.87
CA MET B 128 -6.43 -8.28 -9.83
C MET B 128 -6.89 -9.71 -9.55
N CYS B 129 -5.92 -10.56 -9.20
CA CYS B 129 -6.17 -11.97 -8.87
C CYS B 129 -6.95 -12.12 -7.56
N LEU B 130 -6.83 -11.15 -6.64
CA LEU B 130 -7.58 -11.19 -5.38
C LEU B 130 -9.06 -10.84 -5.63
N ASP B 131 -9.33 -9.89 -6.53
CA ASP B 131 -10.70 -9.50 -6.84
C ASP B 131 -11.48 -10.72 -7.27
N VAL B 132 -11.01 -11.36 -8.33
CA VAL B 132 -11.63 -12.57 -8.86
C VAL B 132 -11.74 -13.65 -7.78
N CYS B 133 -10.65 -13.92 -7.06
CA CYS B 133 -10.66 -14.94 -6.01
C CYS B 133 -11.73 -14.71 -4.95
N GLU B 134 -11.98 -13.45 -4.59
CA GLU B 134 -12.99 -13.13 -3.58
C GLU B 134 -14.35 -13.46 -4.16
N GLY B 135 -14.51 -13.14 -5.44
CA GLY B 135 -15.74 -13.40 -6.15
C GLY B 135 -16.02 -14.89 -6.21
N MET B 136 -14.96 -15.68 -6.41
CA MET B 136 -15.09 -17.12 -6.51
C MET B 136 -15.33 -17.81 -5.18
N ALA B 137 -14.64 -17.34 -4.15
CA ALA B 137 -14.76 -17.88 -2.81
C ALA B 137 -16.20 -17.66 -2.34
N TYR B 138 -16.87 -16.69 -2.93
CA TYR B 138 -18.26 -16.35 -2.60
C TYR B 138 -19.23 -17.31 -3.27
N LEU B 139 -18.97 -17.57 -4.55
CA LEU B 139 -19.81 -18.50 -5.31
C LEU B 139 -19.61 -19.89 -4.77
N GLU B 140 -18.38 -20.15 -4.27
CA GLU B 140 -17.99 -21.45 -3.70
C GLU B 140 -18.85 -21.78 -2.50
N GLU B 141 -18.90 -20.85 -1.55
CA GLU B 141 -19.70 -20.98 -0.34
C GLU B 141 -21.17 -21.17 -0.69
N ALA B 142 -21.63 -20.44 -1.69
CA ALA B 142 -23.03 -20.52 -2.09
C ALA B 142 -23.28 -21.75 -2.97
N CYS B 143 -22.24 -22.55 -3.18
CA CYS B 143 -22.31 -23.74 -4.01
C CYS B 143 -22.78 -23.44 -5.43
N VAL B 144 -22.18 -22.41 -6.01
CA VAL B 144 -22.46 -22.00 -7.37
C VAL B 144 -21.14 -22.16 -8.13
N ILE B 145 -21.09 -23.09 -9.07
CA ILE B 145 -19.86 -23.25 -9.84
C ILE B 145 -20.04 -22.45 -11.15
N HIS B 146 -18.96 -21.82 -11.57
CA HIS B 146 -18.95 -20.99 -12.76
C HIS B 146 -18.93 -21.84 -14.04
N ARG B 147 -18.07 -22.84 -14.07
CA ARG B 147 -17.92 -23.72 -15.23
C ARG B 147 -17.18 -23.10 -16.43
N ASP B 148 -16.86 -21.81 -16.34
CA ASP B 148 -16.16 -21.17 -17.43
C ASP B 148 -15.43 -19.90 -17.00
N LEU B 149 -14.78 -19.98 -15.86
CA LEU B 149 -14.01 -18.85 -15.36
C LEU B 149 -12.79 -18.71 -16.26
N ALA B 150 -12.58 -17.49 -16.77
CA ALA B 150 -11.46 -17.20 -17.66
C ALA B 150 -11.33 -15.67 -17.72
N ALA B 151 -10.14 -15.16 -17.98
CA ALA B 151 -9.90 -13.72 -18.06
C ALA B 151 -10.89 -12.94 -18.93
N ARG B 152 -11.39 -13.57 -19.99
CA ARG B 152 -12.34 -12.88 -20.88
C ARG B 152 -13.70 -12.75 -20.22
N ASN B 153 -13.92 -13.57 -19.20
CA ASN B 153 -15.21 -13.56 -18.48
C ASN B 153 -15.21 -12.75 -17.18
N CYS B 154 -14.18 -11.93 -17.02
CA CYS B 154 -14.07 -11.07 -15.87
C CYS B 154 -14.10 -9.66 -16.45
N LEU B 155 -14.57 -8.70 -15.66
CA LEU B 155 -14.69 -7.33 -16.13
C LEU B 155 -13.83 -6.38 -15.34
N VAL B 156 -13.37 -5.33 -16.02
CA VAL B 156 -12.52 -4.34 -15.40
C VAL B 156 -13.29 -3.02 -15.24
N GLY B 157 -13.35 -2.52 -14.03
CA GLY B 157 -14.07 -1.29 -13.81
C GLY B 157 -13.33 0.03 -13.88
N GLU B 158 -14.15 1.08 -13.84
CA GLU B 158 -13.78 2.49 -13.85
C GLU B 158 -13.03 2.71 -12.53
N ASN B 159 -12.32 1.66 -12.10
CA ASN B 159 -11.57 1.68 -10.86
C ASN B 159 -10.41 0.70 -10.95
N GLN B 160 -10.34 -0.01 -12.08
CA GLN B 160 -9.28 -0.98 -12.28
C GLN B 160 -9.55 -2.17 -11.33
N VAL B 161 -10.82 -2.25 -10.90
CA VAL B 161 -11.33 -3.30 -10.03
C VAL B 161 -11.92 -4.43 -10.87
N ILE B 162 -11.52 -5.67 -10.55
CA ILE B 162 -11.98 -6.83 -11.30
C ILE B 162 -13.24 -7.46 -10.72
N LYS B 163 -14.17 -7.80 -11.61
CA LYS B 163 -15.41 -8.45 -11.23
C LYS B 163 -15.64 -9.68 -12.11
N VAL B 164 -16.21 -10.73 -11.53
CA VAL B 164 -16.51 -11.95 -12.26
C VAL B 164 -17.89 -11.77 -12.90
N SER B 165 -18.00 -12.17 -14.16
CA SER B 165 -19.28 -12.09 -14.89
C SER B 165 -19.53 -13.42 -15.59
N ASP B 166 -20.64 -13.52 -16.32
CA ASP B 166 -20.98 -14.76 -17.03
C ASP B 166 -21.08 -15.97 -16.10
N PHE B 167 -21.69 -15.80 -14.93
CA PHE B 167 -21.77 -16.92 -13.98
C PHE B 167 -23.20 -17.33 -13.63
N PRO B 187 -13.80 -24.83 -24.41
CA PRO B 187 -12.74 -24.10 -23.72
C PRO B 187 -11.82 -25.02 -22.92
N VAL B 188 -11.27 -26.03 -23.59
CA VAL B 188 -10.37 -27.01 -22.97
C VAL B 188 -9.15 -26.43 -22.25
N LYS B 189 -8.74 -25.22 -22.63
CA LYS B 189 -7.59 -24.60 -22.01
C LYS B 189 -7.83 -24.10 -20.58
N TRP B 190 -9.09 -24.11 -20.17
CA TRP B 190 -9.45 -23.68 -18.83
C TRP B 190 -10.12 -24.80 -18.06
N ALA B 191 -10.24 -25.96 -18.68
CA ALA B 191 -10.85 -27.10 -18.05
C ALA B 191 -9.84 -27.98 -17.27
N SER B 192 -10.25 -28.43 -16.09
CA SER B 192 -9.41 -29.29 -15.28
C SER B 192 -9.53 -30.67 -15.91
N PRO B 193 -8.63 -31.61 -15.56
CA PRO B 193 -8.68 -32.95 -16.14
C PRO B 193 -10.01 -33.69 -15.99
N GLU B 194 -10.61 -33.64 -14.79
CA GLU B 194 -11.87 -34.34 -14.60
C GLU B 194 -13.02 -33.73 -15.37
N VAL B 195 -12.77 -32.57 -15.97
CA VAL B 195 -13.77 -31.89 -16.79
C VAL B 195 -13.51 -32.21 -18.26
N PHE B 196 -12.23 -32.33 -18.66
CA PHE B 196 -11.87 -32.66 -20.04
C PHE B 196 -12.62 -33.94 -20.40
N SER B 197 -12.29 -34.96 -19.60
CA SER B 197 -12.73 -36.33 -19.75
C SER B 197 -14.11 -36.78 -19.27
N PHE B 198 -14.55 -36.34 -18.11
CA PHE B 198 -15.82 -36.84 -17.63
C PHE B 198 -16.89 -35.79 -17.32
N SER B 199 -16.65 -34.54 -17.75
CA SER B 199 -17.60 -33.43 -17.51
C SER B 199 -18.04 -33.32 -16.07
N ARG B 200 -17.13 -33.63 -15.16
CA ARG B 200 -17.42 -33.59 -13.74
C ARG B 200 -16.95 -32.27 -13.15
N TYR B 201 -17.87 -31.31 -13.14
CA TYR B 201 -17.63 -29.97 -12.64
C TYR B 201 -17.78 -29.88 -11.12
N SER B 202 -17.06 -28.92 -10.55
CA SER B 202 -17.11 -28.66 -9.12
C SER B 202 -16.41 -27.32 -8.91
N SER B 203 -16.41 -26.80 -7.68
CA SER B 203 -15.74 -25.55 -7.39
C SER B 203 -14.23 -25.82 -7.52
N LYS B 204 -13.86 -27.10 -7.46
CA LYS B 204 -12.47 -27.53 -7.61
C LYS B 204 -12.00 -27.46 -9.06
N SER B 205 -12.94 -27.58 -10.00
CA SER B 205 -12.59 -27.49 -11.40
C SER B 205 -12.51 -26.00 -11.71
N ASP B 206 -13.21 -25.20 -10.89
CA ASP B 206 -13.21 -23.74 -10.99
C ASP B 206 -11.88 -23.22 -10.43
N VAL B 207 -11.32 -23.95 -9.46
CA VAL B 207 -10.03 -23.58 -8.88
C VAL B 207 -8.96 -23.80 -9.96
N TRP B 208 -9.10 -24.87 -10.76
CA TRP B 208 -8.15 -25.13 -11.84
C TRP B 208 -8.23 -23.94 -12.81
N SER B 209 -9.46 -23.61 -13.23
CA SER B 209 -9.70 -22.48 -14.14
C SER B 209 -9.06 -21.20 -13.64
N PHE B 210 -9.18 -20.99 -12.32
CA PHE B 210 -8.63 -19.80 -11.66
C PHE B 210 -7.12 -19.83 -11.82
N GLY B 211 -6.51 -21.00 -11.66
CA GLY B 211 -5.06 -21.13 -11.80
C GLY B 211 -4.60 -20.70 -13.18
N VAL B 212 -5.44 -20.95 -14.19
CA VAL B 212 -5.13 -20.57 -15.57
C VAL B 212 -5.35 -19.05 -15.74
N LEU B 213 -6.43 -18.53 -15.15
CA LEU B 213 -6.76 -17.10 -15.21
C LEU B 213 -5.64 -16.30 -14.58
N MET B 214 -5.08 -16.83 -13.49
CA MET B 214 -3.96 -16.19 -12.80
C MET B 214 -2.78 -16.09 -13.77
N TRP B 215 -2.57 -17.13 -14.55
CA TRP B 215 -1.49 -17.12 -15.53
C TRP B 215 -1.73 -16.00 -16.56
N GLU B 216 -2.96 -15.88 -17.06
CA GLU B 216 -3.30 -14.82 -18.03
C GLU B 216 -3.02 -13.44 -17.46
N VAL B 217 -3.27 -13.26 -16.17
CA VAL B 217 -3.04 -11.98 -15.52
C VAL B 217 -1.55 -11.67 -15.50
N PHE B 218 -0.74 -12.53 -14.87
CA PHE B 218 0.70 -12.31 -14.79
C PHE B 218 1.46 -12.34 -16.12
N SER B 219 0.85 -12.93 -17.14
CA SER B 219 1.44 -12.97 -18.47
C SER B 219 0.84 -11.79 -19.24
N GLU B 220 0.01 -11.01 -18.57
CA GLU B 220 -0.62 -9.82 -19.13
C GLU B 220 -1.41 -10.05 -20.41
N GLY B 221 -2.40 -10.94 -20.32
CA GLY B 221 -3.25 -11.21 -21.47
C GLY B 221 -2.75 -12.16 -22.55
N LYS B 222 -1.73 -12.96 -22.28
CA LYS B 222 -1.26 -13.91 -23.29
C LYS B 222 -2.19 -15.10 -23.37
N ILE B 223 -2.15 -15.78 -24.52
CA ILE B 223 -2.98 -16.97 -24.78
C ILE B 223 -2.25 -18.20 -24.22
N PRO B 224 -2.95 -19.01 -23.41
CA PRO B 224 -2.33 -20.21 -22.84
C PRO B 224 -2.42 -21.33 -23.87
N TYR B 225 -1.40 -22.18 -23.90
CA TYR B 225 -1.33 -23.30 -24.85
C TYR B 225 -1.71 -22.78 -26.23
N GLU B 226 -1.18 -21.61 -26.57
CA GLU B 226 -1.44 -20.93 -27.83
C GLU B 226 -1.44 -21.79 -29.12
N ASN B 227 -0.32 -22.41 -29.44
CA ASN B 227 -0.22 -23.25 -30.64
C ASN B 227 -1.24 -24.40 -30.59
N ARG B 228 -1.23 -25.11 -29.47
CA ARG B 228 -2.02 -26.29 -29.15
C ARG B 228 -3.52 -26.46 -29.45
N SER B 229 -3.83 -27.65 -29.97
CA SER B 229 -5.18 -28.08 -30.29
C SER B 229 -5.78 -28.66 -29.01
N ASN B 230 -7.04 -29.07 -29.05
CA ASN B 230 -7.67 -29.63 -27.86
C ASN B 230 -7.08 -30.95 -27.40
N SER B 231 -6.87 -31.87 -28.33
CA SER B 231 -6.31 -33.17 -28.00
C SER B 231 -4.86 -33.05 -27.55
N GLU B 232 -4.18 -32.00 -28.01
CA GLU B 232 -2.80 -31.80 -27.63
C GLU B 232 -2.72 -31.25 -26.22
N VAL B 233 -3.64 -30.35 -25.90
CA VAL B 233 -3.72 -29.76 -24.57
C VAL B 233 -4.18 -30.84 -23.56
N VAL B 234 -5.13 -31.67 -23.96
CA VAL B 234 -5.65 -32.76 -23.11
C VAL B 234 -4.56 -33.80 -22.82
N GLU B 235 -3.74 -34.07 -23.83
CA GLU B 235 -2.68 -35.04 -23.69
C GLU B 235 -1.47 -34.53 -22.91
N ASP B 236 -1.10 -33.27 -23.14
CA ASP B 236 0.04 -32.69 -22.43
C ASP B 236 -0.28 -32.55 -20.94
N ILE B 237 -1.47 -32.06 -20.63
CA ILE B 237 -1.88 -31.88 -19.25
C ILE B 237 -1.91 -33.23 -18.52
N SER B 238 -2.46 -34.26 -19.18
CA SER B 238 -2.55 -35.60 -18.59
C SER B 238 -1.20 -36.23 -18.29
N THR B 239 -0.17 -35.83 -19.03
CA THR B 239 1.16 -36.37 -18.80
C THR B 239 1.90 -35.49 -17.77
N GLY B 240 1.36 -34.30 -17.52
CA GLY B 240 1.98 -33.42 -16.53
C GLY B 240 2.41 -32.01 -16.92
N PHE B 241 2.29 -31.67 -18.21
CA PHE B 241 2.67 -30.34 -18.67
C PHE B 241 1.90 -29.28 -17.88
N ARG B 242 2.53 -28.14 -17.72
CA ARG B 242 1.92 -27.00 -17.02
C ARG B 242 2.46 -25.72 -17.61
N LEU B 243 1.58 -24.75 -17.82
CA LEU B 243 1.93 -23.43 -18.36
C LEU B 243 3.15 -22.89 -17.59
N TYR B 244 4.03 -22.19 -18.30
CA TYR B 244 5.26 -21.63 -17.73
C TYR B 244 5.06 -20.44 -16.78
N LYS B 245 6.06 -20.15 -15.97
CA LYS B 245 6.00 -19.02 -15.04
C LYS B 245 6.30 -17.72 -15.78
N PRO B 246 5.33 -16.80 -15.85
CA PRO B 246 5.59 -15.53 -16.54
C PRO B 246 6.61 -14.74 -15.72
N ARG B 247 7.40 -13.90 -16.39
CA ARG B 247 8.42 -13.10 -15.69
C ARG B 247 7.87 -12.38 -14.47
N LEU B 248 6.74 -11.70 -14.67
CA LEU B 248 6.12 -10.93 -13.59
C LEU B 248 5.59 -11.75 -12.43
N ALA B 249 5.73 -13.07 -12.49
CA ALA B 249 5.27 -13.94 -11.41
C ALA B 249 6.43 -14.51 -10.58
N SER B 250 6.38 -14.19 -9.28
CA SER B 250 7.38 -14.64 -8.31
C SER B 250 7.19 -16.15 -8.08
N THR B 251 8.21 -16.79 -7.49
CA THR B 251 8.15 -18.22 -7.23
C THR B 251 6.92 -18.61 -6.40
N HIS B 252 6.51 -17.72 -5.49
CA HIS B 252 5.35 -17.97 -4.65
C HIS B 252 4.06 -17.82 -5.42
N VAL B 253 4.04 -16.93 -6.40
CA VAL B 253 2.84 -16.76 -7.22
C VAL B 253 2.66 -17.99 -8.11
N TYR B 254 3.78 -18.56 -8.54
CA TYR B 254 3.76 -19.72 -9.40
C TYR B 254 3.32 -20.97 -8.62
N GLN B 255 3.65 -21.05 -7.33
CA GLN B 255 3.26 -22.21 -6.52
C GLN B 255 1.75 -22.31 -6.48
N ILE B 256 1.12 -21.26 -5.99
CA ILE B 256 -0.33 -21.21 -5.90
C ILE B 256 -0.95 -21.63 -7.24
N MET B 257 -0.29 -21.22 -8.33
CA MET B 257 -0.75 -21.54 -9.70
C MET B 257 -0.72 -23.03 -9.92
N ASN B 258 0.39 -23.66 -9.52
CA ASN B 258 0.58 -25.10 -9.65
C ASN B 258 -0.26 -25.91 -8.68
N HIS B 259 -0.69 -25.29 -7.60
CA HIS B 259 -1.54 -26.00 -6.65
C HIS B 259 -2.95 -26.05 -7.25
N CYS B 260 -3.35 -24.99 -7.95
CA CYS B 260 -4.67 -24.93 -8.59
C CYS B 260 -4.67 -25.94 -9.75
N TRP B 261 -3.48 -26.37 -10.15
CA TRP B 261 -3.32 -27.31 -11.26
C TRP B 261 -2.96 -28.75 -10.84
N LYS B 262 -3.38 -29.15 -9.64
CA LYS B 262 -3.12 -30.51 -9.16
C LYS B 262 -4.07 -31.39 -9.96
N GLU B 263 -3.61 -32.57 -10.38
CA GLU B 263 -4.40 -33.52 -11.17
C GLU B 263 -5.71 -33.87 -10.49
N ARG B 264 -5.62 -34.16 -9.20
CA ARG B 264 -6.75 -34.53 -8.35
C ARG B 264 -7.39 -33.34 -7.66
N PRO B 265 -8.71 -33.15 -7.89
CA PRO B 265 -9.44 -32.03 -7.28
C PRO B 265 -9.29 -31.91 -5.75
N GLU B 266 -9.30 -33.01 -5.03
CA GLU B 266 -9.15 -32.93 -3.57
C GLU B 266 -7.79 -32.35 -3.18
N ASP B 267 -6.87 -32.30 -4.14
CA ASP B 267 -5.53 -31.78 -3.83
C ASP B 267 -5.34 -30.28 -4.17
N ARG B 268 -6.38 -29.66 -4.72
CA ARG B 268 -6.34 -28.25 -5.06
C ARG B 268 -6.95 -27.56 -3.86
N PRO B 269 -6.52 -26.32 -3.57
CA PRO B 269 -7.09 -25.61 -2.40
C PRO B 269 -8.46 -25.00 -2.71
N ALA B 270 -9.20 -24.61 -1.68
CA ALA B 270 -10.51 -24.00 -1.87
C ALA B 270 -10.29 -22.51 -2.11
N PHE B 271 -11.15 -21.88 -2.88
CA PHE B 271 -10.99 -20.45 -3.16
C PHE B 271 -10.86 -19.70 -1.84
N SER B 272 -11.49 -20.23 -0.80
CA SER B 272 -11.47 -19.67 0.56
C SER B 272 -10.04 -19.75 1.08
N ARG B 273 -9.31 -20.79 0.68
CA ARG B 273 -7.91 -20.96 1.09
C ARG B 273 -6.99 -20.12 0.22
N LEU B 274 -7.23 -20.13 -1.09
CA LEU B 274 -6.46 -19.32 -2.01
C LEU B 274 -6.50 -17.88 -1.55
N LEU B 275 -7.69 -17.44 -1.17
CA LEU B 275 -7.89 -16.08 -0.70
C LEU B 275 -6.82 -15.63 0.31
N ARG B 276 -6.56 -16.46 1.31
CA ARG B 276 -5.58 -16.17 2.36
C ARG B 276 -4.15 -16.32 1.84
N GLN B 277 -3.92 -17.31 0.99
CA GLN B 277 -2.62 -17.55 0.39
C GLN B 277 -2.25 -16.41 -0.58
N LEU B 278 -3.26 -15.82 -1.21
CA LEU B 278 -3.04 -14.70 -2.13
C LEU B 278 -2.78 -13.44 -1.30
N ALA B 279 -3.51 -13.30 -0.21
CA ALA B 279 -3.34 -12.16 0.70
C ALA B 279 -1.96 -12.25 1.34
N GLU B 280 -1.63 -13.44 1.84
CA GLU B 280 -0.34 -13.69 2.50
C GLU B 280 0.79 -13.21 1.60
N ILE B 281 0.71 -13.54 0.31
CA ILE B 281 1.72 -13.16 -0.67
C ILE B 281 1.70 -11.65 -0.96
N ALA B 282 0.53 -11.06 -0.78
CA ALA B 282 0.36 -9.64 -1.03
C ALA B 282 1.24 -8.70 -0.20
C1 PQC C . 13.45 22.33 22.96
C2 PQC C . 11.86 22.05 23.23
C3 PQC C . 14.41 21.37 23.74
C4 PQC C . 13.97 20.33 24.65
C5 PQC C . 15.03 19.55 25.24
S6 PQC C . 16.16 21.34 23.68
C7 PQC C . 16.31 20.03 24.77
C8 PQC C . 17.60 19.43 25.12
C9 PQC C . 18.78 19.93 24.42
C10 PQC C . 17.71 18.35 26.08
C11 PQC C . 19.01 17.78 26.30
C12 PQC C . 20.19 18.27 25.60
C13 PQC C . 12.55 20.10 24.99
C14 PQC C . 11.49 21.00 24.34
C15 PQC C . 10.21 20.81 24.76
N16 PQC C . 9.85 19.86 25.68
N17 PQC C . 12.12 19.06 25.98
C18 PQC C . 10.77 19.01 26.29
N19 PQC C . 10.31 18.00 27.16
C20 PQC C . 11.21 17.19 28.00
C21 PQC C . 12.65 16.89 27.71
C22 PQC C . 10.64 16.45 29.10
C23 PQC C . 11.24 15.49 29.97
C24 PQC C . 12.61 15.23 29.68
C25 PQC C . 13.37 15.90 28.56
S26 PQC C . 15.07 15.40 28.28
O27 PQC C . 15.32 14.10 29.06
O28 PQC C . 15.87 16.54 28.27
N29 PQC C . 15.12 14.94 26.49
C30 PQC C . 20.06 19.35 24.65
C1 L7A D . -17.20 -4.51 -22.84
N1 L7A D . -22.32 -11.32 -19.89
O1 L7A D . -19.68 -3.39 -18.86
C2 L7A D . -16.61 -5.19 -24.02
N2 L7A D . -18.64 -4.72 -20.94
O2 L7A D . -18.41 -6.52 -22.47
C3 L7A D . -15.65 -4.45 -24.85
N3 L7A D . -20.97 -5.11 -18.03
C4 L7A D . -15.30 -3.04 -24.52
C5 L7A D . -15.91 -2.36 -23.34
C6 L7A D . -16.85 -3.09 -22.49
C7 L7A D . -18.17 -5.38 -22.06
C8 L7A D . -21.48 -6.44 -18.16
C9 L7A D . -20.94 -7.18 -19.30
C10 L7A D . -19.98 -6.63 -20.27
C11 L7A D . -19.53 -5.32 -20.11
C12 L7A D . -20.05 -4.53 -18.96
C13 L7A D . -21.76 -10.64 -21.05
C14 L7A D . -22.50 -10.78 -18.57
C15 L7A D . -22.07 -9.42 -18.38
C16 L7A D . -21.45 -8.63 -19.55
C17 L7A D . -21.31 -9.26 -20.90
#